data_7Z6C
#
_entry.id   7Z6C
#
_cell.length_a   91.100
_cell.length_b   91.100
_cell.length_c   124.030
_cell.angle_alpha   90.000
_cell.angle_beta   90.000
_cell.angle_gamma   120.000
#
_symmetry.space_group_name_H-M   'P 32 2 1'
#
loop_
_entity.id
_entity.type
_entity.pdbx_description
1 polymer 'Dihydroorotate dehydrogenase (quinone), mitochondrial'
2 non-polymer 'FLAVIN MONONUCLEOTIDE'
3 non-polymer 'OROTIC ACID'
4 non-polymer ~{N}-(5-methyl-4-phenoxy-2-propan-2-yl-phenyl)-2-oxidanyl-pyrazolo[1,5-a]pyridine-3-carboxamide
5 non-polymer 'HEXAETHYLENE GLYCOL'
6 non-polymer 'ACETATE ION'
7 water water
#
_entity_poly.entity_id   1
_entity_poly.type   'polypeptide(L)'
_entity_poly.pdbx_seq_one_letter_code
;ATGDERFYAEHLMPTLQGLLDPESAHRLAVRFTSLGLLPRARFQDSDMLEVRVLGHKFRNPVGIAAGFDKHGEAVDGLYK
MGFGFVEIGSVTPKPQEGNPRPRVFRLPEDQAVINRYGFNSHGLSVVEHRLRARQQKQAKLTEDGLPLGVNLGKNKTSVD
AAEDYAEGVRVLGPLADYLVVNVSSPNTAGLRSLQGKAELRRLLTKVLQERDGLRRVHRPAVLVKIAPDLTSQDKEDIAS
VVKELGIDGLIVTNTTVSRPAGLQGALRSETGGLSGKPLRDLSTQTIREMYALTQGRVPIIGVGGVSSGQDALEKIRAGA
SLVQLYTALTFWGPPVVGKVKRELEALLKEQGFGGVTDAIGADHRR
;
_entity_poly.pdbx_strand_id   A
#
loop_
_chem_comp.id
_chem_comp.type
_chem_comp.name
_chem_comp.formula
ACT non-polymer 'ACETATE ION' 'C2 H3 O2 -1'
FMN non-polymer 'FLAVIN MONONUCLEOTIDE' 'C17 H21 N4 O9 P'
IEQ non-polymer ~{N}-(5-methyl-4-phenoxy-2-propan-2-yl-phenyl)-2-oxidanyl-pyrazolo[1,5-a]pyridine-3-carboxamide 'C24 H23 N3 O3'
ORO non-polymer 'OROTIC ACID' 'C5 H4 N2 O4'
P6G non-polymer 'HEXAETHYLENE GLYCOL' 'C12 H26 O7'
#
# COMPACT_ATOMS: atom_id res chain seq x y z
N ALA A 1 20.14 -14.02 -8.51
CA ALA A 1 19.22 -13.83 -9.63
C ALA A 1 18.80 -15.17 -10.23
N THR A 2 17.67 -15.70 -9.76
CA THR A 2 17.19 -16.98 -10.25
C THR A 2 16.94 -16.93 -11.76
N GLY A 3 16.68 -18.11 -12.32
CA GLY A 3 16.31 -18.17 -13.73
C GLY A 3 14.99 -17.49 -14.01
N ASP A 4 13.95 -17.84 -13.23
CA ASP A 4 12.67 -17.17 -13.33
C ASP A 4 12.83 -15.65 -13.36
N GLU A 5 13.69 -15.12 -12.49
CA GLU A 5 13.82 -13.66 -12.36
C GLU A 5 14.15 -13.00 -13.70
N ARG A 6 15.21 -13.48 -14.35
CA ARG A 6 15.60 -12.87 -15.63
C ARG A 6 14.64 -13.22 -16.74
N PHE A 7 14.07 -14.43 -16.73
CA PHE A 7 13.13 -14.80 -17.78
C PHE A 7 11.90 -13.91 -17.75
N TYR A 8 11.33 -13.71 -16.56
CA TYR A 8 10.15 -12.85 -16.43
C TYR A 8 10.48 -11.41 -16.84
N ALA A 9 11.59 -10.88 -16.34
CA ALA A 9 11.90 -9.47 -16.54
C ALA A 9 12.29 -9.17 -17.98
N GLU A 10 13.08 -10.05 -18.61
CA GLU A 10 13.61 -9.75 -19.95
C GLU A 10 12.76 -10.32 -21.08
N HIS A 11 11.96 -11.36 -20.84
CA HIS A 11 11.20 -12.00 -21.91
C HIS A 11 9.70 -12.00 -21.66
N LEU A 12 9.23 -12.64 -20.59
CA LEU A 12 7.81 -12.91 -20.44
C LEU A 12 7.01 -11.62 -20.28
N MET A 13 7.34 -10.81 -19.27
CA MET A 13 6.57 -9.59 -19.02
C MET A 13 6.61 -8.62 -20.19
N PRO A 14 7.77 -8.30 -20.78
CA PRO A 14 7.76 -7.40 -21.95
C PRO A 14 6.88 -7.92 -23.09
N THR A 15 6.79 -9.23 -23.28
CA THR A 15 5.92 -9.77 -24.33
C THR A 15 4.45 -9.53 -24.01
N LEU A 16 4.01 -9.91 -22.81
CA LEU A 16 2.61 -9.71 -22.44
C LEU A 16 2.22 -8.24 -22.47
N GLN A 17 3.06 -7.36 -21.92
CA GLN A 17 2.78 -5.93 -21.95
C GLN A 17 2.71 -5.40 -23.38
N GLY A 18 3.43 -6.03 -24.31
CA GLY A 18 3.32 -5.65 -25.70
C GLY A 18 2.02 -6.06 -26.37
N LEU A 19 1.37 -7.10 -25.85
CA LEU A 19 0.09 -7.56 -26.39
C LEU A 19 -1.12 -6.94 -25.71
N LEU A 20 -0.99 -6.45 -24.48
CA LEU A 20 -2.12 -6.04 -23.65
C LEU A 20 -1.95 -4.61 -23.15
N ASP A 21 -2.99 -3.79 -23.35
CA ASP A 21 -3.00 -2.48 -22.72
C ASP A 21 -2.97 -2.65 -21.19
N PRO A 22 -2.59 -1.61 -20.45
CA PRO A 22 -2.38 -1.82 -18.99
C PRO A 22 -3.65 -2.22 -18.23
N GLU A 23 -4.82 -1.66 -18.53
CA GLU A 23 -6.01 -2.08 -17.79
C GLU A 23 -6.37 -3.54 -18.08
N SER A 24 -6.27 -3.96 -19.35
CA SER A 24 -6.54 -5.37 -19.66
C SER A 24 -5.53 -6.29 -18.99
N ALA A 25 -4.26 -5.89 -18.98
CA ALA A 25 -3.22 -6.68 -18.33
C ALA A 25 -3.47 -6.77 -16.82
N HIS A 26 -3.83 -5.64 -16.21
CA HIS A 26 -4.19 -5.64 -14.78
C HIS A 26 -5.29 -6.65 -14.48
N ARG A 27 -6.35 -6.65 -15.29
CA ARG A 27 -7.47 -7.56 -15.06
C ARG A 27 -7.03 -9.02 -15.19
N LEU A 28 -6.19 -9.33 -16.18
CA LEU A 28 -5.73 -10.71 -16.37
C LEU A 28 -4.82 -11.14 -15.23
N ALA A 29 -3.98 -10.21 -14.75
CA ALA A 29 -3.14 -10.51 -13.60
C ALA A 29 -3.98 -10.87 -12.37
N VAL A 30 -5.04 -10.11 -12.12
CA VAL A 30 -5.87 -10.42 -10.96
C VAL A 30 -6.49 -11.81 -11.13
N ARG A 31 -7.00 -12.10 -12.33
CA ARG A 31 -7.60 -13.41 -12.59
C ARG A 31 -6.60 -14.55 -12.37
N PHE A 32 -5.42 -14.46 -12.97
CA PHE A 32 -4.43 -15.52 -12.81
C PHE A 32 -3.98 -15.67 -11.36
N THR A 33 -3.81 -14.55 -10.65
CA THR A 33 -3.42 -14.63 -9.25
C THR A 33 -4.51 -15.30 -8.43
N SER A 34 -5.77 -14.93 -8.67
CA SER A 34 -6.88 -15.51 -7.92
C SER A 34 -6.99 -17.02 -8.13
N LEU A 35 -6.56 -17.52 -9.29
CA LEU A 35 -6.59 -18.94 -9.59
C LEU A 35 -5.33 -19.67 -9.12
N GLY A 36 -4.34 -18.97 -8.58
CA GLY A 36 -3.12 -19.62 -8.16
C GLY A 36 -2.14 -19.98 -9.27
N LEU A 37 -2.29 -19.40 -10.46
CA LEU A 37 -1.44 -19.76 -11.61
C LEU A 37 -0.17 -18.90 -11.58
N LEU A 38 0.75 -19.29 -10.71
CA LEU A 38 1.92 -18.48 -10.41
C LEU A 38 3.17 -19.34 -10.31
N PRO A 39 4.35 -18.75 -10.53
CA PRO A 39 5.59 -19.50 -10.38
C PRO A 39 5.82 -19.88 -8.92
N ARG A 40 6.71 -20.85 -8.72
CA ARG A 40 7.06 -21.27 -7.37
C ARG A 40 7.81 -20.16 -6.65
N ALA A 41 7.31 -19.78 -5.46
CA ALA A 41 8.01 -18.84 -4.59
C ALA A 41 8.90 -19.66 -3.65
N ARG A 42 10.17 -19.82 -4.04
CA ARG A 42 11.07 -20.70 -3.30
C ARG A 42 11.59 -20.07 -2.02
N PHE A 43 11.78 -18.74 -2.00
CA PHE A 43 12.42 -18.10 -0.85
C PHE A 43 11.68 -18.42 0.45
N GLN A 44 12.43 -18.90 1.43
CA GLN A 44 11.92 -19.11 2.78
C GLN A 44 12.31 -17.92 3.64
N ASP A 45 11.34 -17.34 4.34
CA ASP A 45 11.61 -16.15 5.14
C ASP A 45 12.43 -16.52 6.37
N SER A 46 13.46 -15.73 6.63
CA SER A 46 14.32 -15.91 7.79
C SER A 46 13.83 -15.06 8.96
N ASP A 47 14.37 -15.36 10.14
CA ASP A 47 13.97 -14.66 11.35
C ASP A 47 14.33 -13.18 11.31
N MET A 48 15.39 -12.80 10.57
CA MET A 48 15.78 -11.39 10.54
C MET A 48 14.75 -10.52 9.85
N LEU A 49 13.84 -11.10 9.06
CA LEU A 49 12.83 -10.32 8.35
C LEU A 49 11.55 -10.14 9.16
N GLU A 50 11.43 -10.79 10.31
CA GLU A 50 10.22 -10.66 11.12
C GLU A 50 10.12 -9.30 11.80
N VAL A 51 8.93 -8.73 11.80
CA VAL A 51 8.64 -7.43 12.41
C VAL A 51 7.37 -7.53 13.23
N ARG A 52 7.37 -6.95 14.44
CA ARG A 52 6.18 -6.90 15.29
C ARG A 52 5.75 -5.44 15.44
N VAL A 53 4.60 -5.09 14.88
CA VAL A 53 4.12 -3.71 14.86
C VAL A 53 2.61 -3.74 14.66
N LEU A 54 1.93 -2.64 15.02
CA LEU A 54 0.47 -2.51 14.84
C LEU A 54 -0.30 -3.65 15.51
N GLY A 55 0.26 -4.23 16.56
CA GLY A 55 -0.41 -5.31 17.27
C GLY A 55 -0.35 -6.67 16.60
N HIS A 56 0.56 -6.86 15.65
CA HIS A 56 0.61 -8.11 14.90
C HIS A 56 2.05 -8.47 14.57
N LYS A 57 2.24 -9.73 14.20
CA LYS A 57 3.50 -10.20 13.69
C LYS A 57 3.44 -10.21 12.18
N PHE A 58 4.50 -9.72 11.53
CA PHE A 58 4.65 -9.81 10.08
C PHE A 58 5.86 -10.69 9.79
N ARG A 59 5.64 -11.78 9.05
CA ARG A 59 6.76 -12.70 8.85
C ARG A 59 7.83 -12.11 7.94
N ASN A 60 7.46 -11.20 7.05
CA ASN A 60 8.45 -10.40 6.33
C ASN A 60 7.83 -9.02 6.11
N PRO A 61 8.65 -8.00 5.80
CA PRO A 61 8.10 -6.64 5.78
C PRO A 61 7.68 -6.13 4.41
N VAL A 62 7.52 -7.00 3.42
CA VAL A 62 7.24 -6.58 2.04
C VAL A 62 5.78 -6.89 1.72
N GLY A 63 4.94 -5.86 1.56
CA GLY A 63 3.52 -6.04 1.28
C GLY A 63 3.16 -5.56 -0.12
N ILE A 64 1.95 -5.95 -0.56
CA ILE A 64 1.36 -5.45 -1.81
C ILE A 64 0.51 -4.22 -1.50
N ALA A 65 0.81 -3.10 -2.15
CA ALA A 65 0.10 -1.84 -1.90
C ALA A 65 -1.33 -1.88 -2.40
N ALA A 66 -2.16 -0.98 -1.87
CA ALA A 66 -3.55 -0.89 -2.32
C ALA A 66 -3.61 -0.57 -3.81
N GLY A 67 -4.72 -0.99 -4.43
CA GLY A 67 -4.99 -0.66 -5.82
C GLY A 67 -4.72 -1.78 -6.80
N PHE A 68 -3.99 -2.82 -6.40
CA PHE A 68 -3.84 -3.98 -7.27
C PHE A 68 -5.05 -4.90 -7.14
N ASP A 69 -5.35 -5.33 -5.92
CA ASP A 69 -6.57 -6.10 -5.64
C ASP A 69 -7.59 -5.14 -5.02
N LYS A 70 -8.27 -4.37 -5.88
CA LYS A 70 -9.19 -3.34 -5.39
C LYS A 70 -10.43 -3.96 -4.71
N HIS A 71 -10.87 -5.14 -5.15
CA HIS A 71 -12.17 -5.69 -4.72
C HIS A 71 -12.04 -6.96 -3.90
N GLY A 72 -10.84 -7.30 -3.44
CA GLY A 72 -10.66 -8.46 -2.59
C GLY A 72 -10.81 -9.80 -3.29
N GLU A 73 -10.37 -9.90 -4.55
CA GLU A 73 -10.55 -11.11 -5.33
C GLU A 73 -9.36 -12.04 -5.34
N ALA A 74 -8.19 -11.61 -4.83
CA ALA A 74 -6.97 -12.37 -5.07
C ALA A 74 -6.08 -12.50 -3.84
N VAL A 75 -6.67 -12.39 -2.63
CA VAL A 75 -5.87 -12.28 -1.41
C VAL A 75 -4.96 -13.49 -1.23
N ASP A 76 -5.51 -14.70 -1.35
CA ASP A 76 -4.69 -15.89 -1.08
C ASP A 76 -3.60 -16.09 -2.13
N GLY A 77 -3.88 -15.77 -3.39
CA GLY A 77 -2.82 -15.83 -4.40
C GLY A 77 -1.68 -14.84 -4.16
N LEU A 78 -2.00 -13.68 -3.56
CA LEU A 78 -0.95 -12.71 -3.23
C LEU A 78 -0.06 -13.22 -2.09
N TYR A 79 -0.63 -13.88 -1.08
CA TYR A 79 0.21 -14.53 -0.08
C TYR A 79 1.08 -15.61 -0.72
N LYS A 80 0.54 -16.33 -1.70
CA LYS A 80 1.32 -17.38 -2.34
C LYS A 80 2.48 -16.79 -3.13
N MET A 81 2.38 -15.52 -3.55
CA MET A 81 3.46 -14.81 -4.22
C MET A 81 4.63 -14.52 -3.27
N GLY A 82 4.41 -14.55 -1.96
CA GLY A 82 5.45 -14.32 -0.98
C GLY A 82 5.33 -13.04 -0.19
N PHE A 83 4.30 -12.23 -0.45
CA PHE A 83 4.10 -11.00 0.31
C PHE A 83 3.88 -11.30 1.79
N GLY A 84 4.51 -10.49 2.66
CA GLY A 84 4.31 -10.61 4.09
C GLY A 84 2.97 -10.10 4.59
N PHE A 85 2.30 -9.24 3.83
CA PHE A 85 0.95 -8.78 4.18
C PHE A 85 0.31 -8.24 2.91
N VAL A 86 -1.02 -8.19 2.91
CA VAL A 86 -1.82 -7.81 1.75
C VAL A 86 -2.76 -6.68 2.15
N GLU A 87 -2.90 -5.67 1.27
CA GLU A 87 -3.86 -4.58 1.47
C GLU A 87 -4.77 -4.52 0.24
N ILE A 88 -6.07 -4.62 0.47
CA ILE A 88 -7.05 -4.52 -0.62
C ILE A 88 -7.69 -3.13 -0.60
N GLY A 89 -8.41 -2.79 -1.68
CA GLY A 89 -9.06 -1.50 -1.83
C GLY A 89 -8.32 -0.62 -2.84
N SER A 90 -8.74 0.64 -2.91
CA SER A 90 -9.76 1.25 -2.06
C SER A 90 -11.18 0.75 -2.36
N VAL A 91 -11.99 0.62 -1.31
CA VAL A 91 -13.40 0.21 -1.42
C VAL A 91 -14.31 1.39 -1.07
N THR A 92 -15.31 1.68 -1.94
CA THR A 92 -16.24 2.77 -1.65
C THR A 92 -17.55 2.20 -1.10
N PRO A 93 -18.38 3.01 -0.41
CA PRO A 93 -19.61 2.44 0.18
C PRO A 93 -20.56 1.83 -0.84
N LYS A 94 -20.96 2.56 -1.86
CA LYS A 94 -21.74 1.99 -2.95
C LYS A 94 -20.83 1.63 -4.12
N PRO A 95 -21.24 0.66 -4.96
CA PRO A 95 -20.49 0.40 -6.20
C PRO A 95 -20.44 1.63 -7.10
N GLN A 96 -19.32 1.79 -7.79
CA GLN A 96 -19.24 2.89 -8.76
C GLN A 96 -18.22 2.53 -9.83
N GLU A 97 -18.42 3.06 -11.05
CA GLU A 97 -17.65 2.63 -12.21
C GLU A 97 -16.26 3.25 -12.33
N GLY A 98 -16.03 4.41 -11.75
CA GLY A 98 -14.76 5.09 -11.96
C GLY A 98 -14.81 5.98 -13.19
N ASN A 99 -13.62 6.46 -13.61
CA ASN A 99 -13.52 7.39 -14.73
C ASN A 99 -13.63 6.69 -16.07
N PRO A 100 -14.00 7.44 -17.12
CA PRO A 100 -14.04 6.84 -18.47
C PRO A 100 -12.65 6.40 -18.88
N ARG A 101 -12.60 5.39 -19.75
CA ARG A 101 -11.32 4.96 -20.30
C ARG A 101 -10.94 5.85 -21.50
N PRO A 102 -9.65 5.88 -21.86
CA PRO A 102 -8.56 5.17 -21.19
C PRO A 102 -8.21 5.86 -19.88
N ARG A 103 -7.71 5.09 -18.91
CA ARG A 103 -7.45 5.67 -17.59
C ARG A 103 -6.21 5.10 -16.90
N VAL A 104 -5.39 4.34 -17.61
CA VAL A 104 -4.11 3.81 -17.10
C VAL A 104 -3.09 3.88 -18.23
N PHE A 105 -1.84 4.24 -17.89
CA PHE A 105 -0.80 4.53 -18.89
C PHE A 105 0.57 4.09 -18.38
N ARG A 106 1.34 3.41 -19.24
CA ARG A 106 2.70 2.96 -18.91
C ARG A 106 3.73 3.95 -19.44
N LEU A 107 4.77 4.20 -18.63
CA LEU A 107 5.94 5.00 -19.00
C LEU A 107 7.16 4.10 -18.85
N PRO A 108 7.39 3.20 -19.81
CA PRO A 108 8.45 2.18 -19.61
C PRO A 108 9.85 2.78 -19.50
N GLU A 109 10.14 3.84 -20.26
CA GLU A 109 11.45 4.48 -20.17
C GLU A 109 11.74 5.04 -18.78
N ASP A 110 10.71 5.29 -17.98
CA ASP A 110 10.88 5.84 -16.65
C ASP A 110 10.63 4.83 -15.53
N GLN A 111 10.27 3.58 -15.87
CA GLN A 111 9.78 2.61 -14.88
C GLN A 111 8.65 3.22 -14.04
N ALA A 112 7.64 3.74 -14.72
CA ALA A 112 6.57 4.49 -14.08
C ALA A 112 5.23 4.15 -14.71
N VAL A 113 4.17 4.45 -13.96
CA VAL A 113 2.78 4.32 -14.41
C VAL A 113 2.05 5.61 -14.05
N ILE A 114 1.08 6.01 -14.87
CA ILE A 114 0.14 7.07 -14.53
C ILE A 114 -1.26 6.47 -14.58
N ASN A 115 -2.06 6.73 -13.54
CA ASN A 115 -3.43 6.20 -13.52
C ASN A 115 -4.43 7.23 -13.03
N ARG A 116 -5.63 7.19 -13.61
CA ARG A 116 -6.77 7.96 -13.12
C ARG A 116 -8.01 7.07 -13.05
N TYR A 117 -7.87 5.91 -12.39
CA TYR A 117 -8.99 4.95 -12.29
C TYR A 117 -10.23 5.61 -11.71
N GLY A 118 -10.06 6.41 -10.66
CA GLY A 118 -11.18 7.13 -10.08
C GLY A 118 -12.01 6.34 -9.07
N PHE A 119 -11.39 5.41 -8.33
CA PHE A 119 -12.11 4.64 -7.31
C PHE A 119 -13.19 3.75 -7.93
N ASN A 120 -12.82 3.00 -8.98
CA ASN A 120 -13.72 1.96 -9.46
C ASN A 120 -13.84 0.89 -8.36
N SER A 121 -15.06 0.56 -7.96
CA SER A 121 -15.20 -0.30 -6.78
C SER A 121 -16.46 -1.14 -6.87
N HIS A 122 -16.34 -2.42 -6.51
CA HIS A 122 -17.51 -3.27 -6.37
C HIS A 122 -18.39 -2.87 -5.18
N GLY A 123 -17.91 -2.03 -4.26
CA GLY A 123 -18.70 -1.56 -3.13
C GLY A 123 -18.56 -2.43 -1.89
N LEU A 124 -18.92 -1.84 -0.74
CA LEU A 124 -18.67 -2.48 0.56
C LEU A 124 -19.39 -3.83 0.69
N SER A 125 -20.62 -3.93 0.20
N SER A 125 -20.62 -3.93 0.20
CA SER A 125 -21.39 -5.16 0.43
CA SER A 125 -21.40 -5.15 0.43
C SER A 125 -20.78 -6.35 -0.30
C SER A 125 -20.79 -6.34 -0.30
N VAL A 126 -20.38 -6.16 -1.56
CA VAL A 126 -19.75 -7.24 -2.30
C VAL A 126 -18.44 -7.65 -1.64
N VAL A 127 -17.60 -6.67 -1.27
CA VAL A 127 -16.33 -6.99 -0.65
C VAL A 127 -16.54 -7.66 0.71
N GLU A 128 -17.57 -7.22 1.45
CA GLU A 128 -17.89 -7.84 2.75
C GLU A 128 -18.11 -9.34 2.62
N HIS A 129 -18.93 -9.74 1.63
CA HIS A 129 -19.24 -11.16 1.48
C HIS A 129 -18.04 -11.95 0.96
N ARG A 130 -17.19 -11.34 0.13
CA ARG A 130 -15.96 -12.01 -0.29
C ARG A 130 -15.05 -12.31 0.90
N LEU A 131 -14.83 -11.32 1.76
CA LEU A 131 -13.96 -11.58 2.91
C LEU A 131 -14.59 -12.51 3.93
N ARG A 132 -15.92 -12.46 4.08
CA ARG A 132 -16.58 -13.37 5.02
C ARG A 132 -16.38 -14.83 4.59
N ALA A 133 -16.31 -15.08 3.29
CA ALA A 133 -16.15 -16.44 2.79
C ALA A 133 -14.82 -17.07 3.16
N ARG A 134 -13.84 -16.26 3.62
CA ARG A 134 -12.53 -16.77 4.03
C ARG A 134 -12.10 -16.18 5.37
N GLN A 135 -13.05 -15.75 6.21
CA GLN A 135 -12.70 -14.97 7.40
C GLN A 135 -11.88 -15.79 8.39
N GLN A 136 -12.22 -17.06 8.55
CA GLN A 136 -11.51 -17.88 9.52
C GLN A 136 -10.15 -18.33 8.99
N LYS A 137 -10.06 -18.59 7.69
CA LYS A 137 -8.75 -18.83 7.10
C LYS A 137 -7.82 -17.64 7.32
N GLN A 138 -8.33 -16.41 7.13
CA GLN A 138 -7.52 -15.23 7.38
C GLN A 138 -7.08 -15.13 8.84
N ALA A 139 -7.98 -15.50 9.78
CA ALA A 139 -7.58 -15.49 11.18
C ALA A 139 -6.37 -16.39 11.41
N LYS A 140 -6.34 -17.56 10.76
N LYS A 140 -6.36 -17.57 10.78
CA LYS A 140 -5.18 -18.44 10.89
CA LYS A 140 -5.19 -18.45 10.86
C LYS A 140 -3.95 -17.87 10.19
C LYS A 140 -3.97 -17.78 10.24
N LEU A 141 -4.13 -17.24 9.03
CA LEU A 141 -2.98 -16.60 8.37
C LEU A 141 -2.40 -15.50 9.23
N THR A 142 -3.26 -14.65 9.80
CA THR A 142 -2.78 -13.54 10.62
C THR A 142 -2.00 -14.04 11.82
N GLU A 143 -2.49 -15.10 12.47
CA GLU A 143 -1.78 -15.70 13.60
C GLU A 143 -0.42 -16.24 13.18
N ASP A 144 -0.28 -16.71 11.95
CA ASP A 144 1.00 -17.18 11.41
CA ASP A 144 0.98 -17.19 11.40
C ASP A 144 1.83 -16.07 10.79
N GLY A 145 1.49 -14.81 11.03
CA GLY A 145 2.34 -13.71 10.57
C GLY A 145 2.03 -13.13 9.20
N LEU A 146 0.81 -13.29 8.69
CA LEU A 146 0.41 -12.77 7.36
C LEU A 146 -0.85 -11.92 7.49
N PRO A 147 -0.74 -10.69 7.99
CA PRO A 147 -1.93 -9.87 8.25
C PRO A 147 -2.56 -9.29 6.97
N LEU A 148 -3.80 -8.80 7.15
CA LEU A 148 -4.62 -8.24 6.07
C LEU A 148 -5.02 -6.80 6.40
N GLY A 149 -4.86 -5.91 5.43
CA GLY A 149 -5.31 -4.53 5.55
C GLY A 149 -6.41 -4.24 4.55
N VAL A 150 -7.29 -3.29 4.91
CA VAL A 150 -8.38 -2.85 4.04
C VAL A 150 -8.34 -1.33 3.91
N ASN A 151 -8.33 -0.86 2.68
CA ASN A 151 -8.22 0.57 2.36
C ASN A 151 -9.60 1.11 1.96
N LEU A 152 -10.07 2.15 2.67
CA LEU A 152 -11.43 2.68 2.59
C LEU A 152 -11.45 3.98 1.76
N GLY A 153 -12.33 4.05 0.76
CA GLY A 153 -12.53 5.26 -0.03
C GLY A 153 -13.91 5.87 0.15
N LYS A 154 -14.19 6.90 -0.66
CA LYS A 154 -15.53 7.51 -0.65
C LYS A 154 -16.10 7.62 -2.06
N ASN A 155 -17.43 7.63 -2.15
CA ASN A 155 -18.09 7.73 -3.45
C ASN A 155 -17.95 9.15 -4.02
N LYS A 156 -18.01 9.22 -5.34
CA LYS A 156 -17.80 10.49 -6.03
C LYS A 156 -18.86 11.53 -5.66
N THR A 157 -20.10 11.09 -5.44
CA THR A 157 -21.21 12.00 -5.15
C THR A 157 -21.44 12.24 -3.66
N SER A 158 -20.54 11.79 -2.79
CA SER A 158 -20.78 11.92 -1.36
C SER A 158 -20.74 13.39 -0.94
N VAL A 159 -21.65 13.74 -0.01
CA VAL A 159 -21.70 15.08 0.53
C VAL A 159 -20.91 15.22 1.83
N ASP A 160 -20.77 14.13 2.59
CA ASP A 160 -20.01 14.14 3.84
C ASP A 160 -19.02 12.99 3.81
N ALA A 161 -17.74 13.30 3.61
CA ALA A 161 -16.72 12.24 3.55
C ALA A 161 -16.69 11.41 4.82
N ALA A 162 -16.92 12.04 5.97
CA ALA A 162 -16.78 11.32 7.23
C ALA A 162 -17.81 10.20 7.35
N GLU A 163 -19.02 10.37 6.80
CA GLU A 163 -19.98 9.28 6.87
C GLU A 163 -19.61 8.14 5.92
N ASP A 164 -19.06 8.47 4.74
CA ASP A 164 -18.55 7.40 3.88
C ASP A 164 -17.52 6.56 4.62
N TYR A 165 -16.54 7.20 5.26
CA TYR A 165 -15.50 6.43 5.96
C TYR A 165 -16.07 5.68 7.16
N ALA A 166 -17.04 6.28 7.86
CA ALA A 166 -17.67 5.58 8.98
C ALA A 166 -18.32 4.29 8.53
N GLU A 167 -19.07 4.35 7.43
CA GLU A 167 -19.69 3.14 6.91
C GLU A 167 -18.66 2.07 6.64
N GLY A 168 -17.54 2.45 6.04
CA GLY A 168 -16.50 1.47 5.77
C GLY A 168 -15.94 0.85 7.05
N VAL A 169 -15.80 1.66 8.11
CA VAL A 169 -15.31 1.10 9.38
C VAL A 169 -16.31 0.08 9.92
N ARG A 170 -17.60 0.42 9.87
CA ARG A 170 -18.61 -0.48 10.41
C ARG A 170 -18.69 -1.79 9.64
N VAL A 171 -18.56 -1.74 8.32
CA VAL A 171 -18.80 -2.91 7.46
C VAL A 171 -17.55 -3.78 7.32
N LEU A 172 -16.38 -3.18 7.02
CA LEU A 172 -15.16 -3.97 6.79
C LEU A 172 -14.17 -3.96 7.96
N GLY A 173 -14.30 -3.03 8.92
CA GLY A 173 -13.46 -3.05 10.09
C GLY A 173 -13.41 -4.39 10.81
N PRO A 174 -14.56 -5.07 11.00
CA PRO A 174 -14.54 -6.38 11.68
C PRO A 174 -13.83 -7.48 10.91
N LEU A 175 -13.46 -7.27 9.65
CA LEU A 175 -12.78 -8.27 8.84
C LEU A 175 -11.32 -7.92 8.56
N ALA A 176 -10.78 -6.87 9.17
CA ALA A 176 -9.46 -6.36 8.80
C ALA A 176 -8.53 -6.33 10.01
N ASP A 177 -7.24 -6.58 9.78
CA ASP A 177 -6.26 -6.34 10.84
C ASP A 177 -5.93 -4.86 10.98
N TYR A 178 -5.89 -4.12 9.87
CA TYR A 178 -5.79 -2.67 9.93
C TYR A 178 -6.64 -2.07 8.81
N LEU A 179 -7.12 -0.85 9.05
CA LEU A 179 -7.88 -0.06 8.10
C LEU A 179 -7.04 1.14 7.66
N VAL A 180 -7.25 1.61 6.43
CA VAL A 180 -6.55 2.80 5.93
C VAL A 180 -7.57 3.84 5.49
N VAL A 181 -7.41 5.06 5.98
CA VAL A 181 -8.17 6.21 5.52
C VAL A 181 -7.30 7.01 4.56
N ASN A 182 -7.71 7.13 3.30
CA ASN A 182 -7.01 7.94 2.32
C ASN A 182 -7.32 9.43 2.48
N VAL A 183 -6.30 10.20 2.78
CA VAL A 183 -6.42 11.65 2.67
C VAL A 183 -5.72 12.09 1.38
N SER A 184 -5.64 11.18 0.36
CA SER A 184 -4.60 11.38 -0.66
C SER A 184 -4.83 10.84 -2.07
N SER A 185 -6.00 10.35 -2.46
CA SER A 185 -6.16 9.92 -3.84
C SER A 185 -6.21 11.14 -4.76
N PRO A 186 -5.48 11.15 -5.88
CA PRO A 186 -5.47 12.33 -6.75
C PRO A 186 -6.65 12.42 -7.71
N ASN A 187 -7.47 11.37 -7.82
CA ASN A 187 -8.45 11.26 -8.89
C ASN A 187 -9.90 11.29 -8.41
N THR A 188 -10.14 11.89 -7.24
CA THR A 188 -11.49 12.23 -6.80
C THR A 188 -11.50 13.68 -6.34
N ALA A 189 -12.51 14.42 -6.77
CA ALA A 189 -12.58 15.85 -6.49
C ALA A 189 -12.83 16.08 -5.00
N GLY A 190 -11.89 16.77 -4.34
CA GLY A 190 -12.03 17.14 -2.94
C GLY A 190 -11.43 16.17 -1.94
N LEU A 191 -10.95 15.02 -2.39
CA LEU A 191 -10.45 14.01 -1.45
C LEU A 191 -9.23 14.51 -0.69
N ARG A 192 -8.13 14.77 -1.41
CA ARG A 192 -6.90 15.23 -0.75
C ARG A 192 -7.15 16.49 0.07
N SER A 193 -8.13 17.30 -0.32
CA SER A 193 -8.44 18.56 0.35
C SER A 193 -8.95 18.33 1.76
N LEU A 194 -8.99 17.07 2.19
CA LEU A 194 -9.35 16.73 3.56
C LEU A 194 -8.19 17.07 4.50
N GLN A 195 -7.60 18.26 4.35
CA GLN A 195 -6.43 18.67 5.12
C GLN A 195 -6.66 19.84 6.07
N GLY A 196 -7.74 20.61 5.89
CA GLY A 196 -8.08 21.66 6.83
C GLY A 196 -8.02 21.12 8.25
N LYS A 197 -7.09 21.63 9.06
CA LYS A 197 -6.65 20.87 10.22
C LYS A 197 -7.83 20.48 11.11
N ALA A 198 -8.75 21.41 11.35
CA ALA A 198 -9.92 21.09 12.17
C ALA A 198 -10.86 20.13 11.45
N GLU A 199 -10.97 20.22 10.13
CA GLU A 199 -11.74 19.24 9.37
C GLU A 199 -11.12 17.85 9.46
N LEU A 200 -9.80 17.76 9.33
CA LEU A 200 -9.14 16.47 9.44
C LEU A 200 -9.29 15.89 10.85
N ARG A 201 -9.24 16.76 11.86
CA ARG A 201 -9.47 16.31 13.23
C ARG A 201 -10.88 15.78 13.40
N ARG A 202 -11.86 16.46 12.80
CA ARG A 202 -13.25 15.99 12.85
C ARG A 202 -13.39 14.64 12.18
N LEU A 203 -12.88 14.53 10.96
CA LEU A 203 -12.91 13.27 10.20
C LEU A 203 -12.34 12.12 11.01
N LEU A 204 -11.11 12.26 11.49
CA LEU A 204 -10.44 11.14 12.17
C LEU A 204 -11.04 10.85 13.54
N THR A 205 -11.57 11.87 14.24
CA THR A 205 -12.27 11.62 15.50
C THR A 205 -13.45 10.66 15.25
N LYS A 206 -14.23 10.94 14.22
CA LYS A 206 -15.41 10.10 13.91
C LYS A 206 -14.95 8.69 13.52
N VAL A 207 -13.87 8.59 12.75
CA VAL A 207 -13.38 7.27 12.36
C VAL A 207 -12.97 6.47 13.59
N LEU A 208 -12.27 7.09 14.53
CA LEU A 208 -11.78 6.34 15.69
C LEU A 208 -12.91 5.98 16.64
N GLN A 209 -13.91 6.86 16.77
CA GLN A 209 -15.10 6.53 17.56
C GLN A 209 -15.78 5.26 17.02
N GLU A 210 -15.95 5.19 15.70
CA GLU A 210 -16.63 4.05 15.11
C GLU A 210 -15.82 2.79 15.34
N ARG A 211 -14.50 2.88 15.14
CA ARG A 211 -13.58 1.76 15.38
C ARG A 211 -13.65 1.27 16.83
N ASP A 212 -13.63 2.19 17.79
CA ASP A 212 -13.65 1.80 19.19
C ASP A 212 -14.97 1.12 19.59
N GLY A 213 -16.03 1.33 18.82
CA GLY A 213 -17.30 0.67 19.05
C GLY A 213 -17.38 -0.79 18.61
N LEU A 214 -16.34 -1.31 17.96
CA LEU A 214 -16.35 -2.71 17.51
C LEU A 214 -15.86 -3.63 18.62
N ARG A 215 -16.37 -4.86 18.62
CA ARG A 215 -15.96 -5.85 19.62
C ARG A 215 -14.46 -6.14 19.55
N ARG A 216 -13.88 -6.47 20.71
CA ARG A 216 -12.42 -6.50 20.88
C ARG A 216 -11.72 -7.32 19.79
N VAL A 217 -12.17 -8.55 19.55
CA VAL A 217 -11.45 -9.36 18.56
C VAL A 217 -11.71 -8.90 17.13
N HIS A 218 -12.61 -7.94 16.93
CA HIS A 218 -12.86 -7.39 15.60
C HIS A 218 -12.46 -5.92 15.49
N ARG A 219 -11.54 -5.46 16.33
CA ARG A 219 -11.15 -4.06 16.38
C ARG A 219 -9.80 -3.86 15.67
N PRO A 220 -9.77 -3.24 14.49
CA PRO A 220 -8.51 -3.05 13.76
C PRO A 220 -7.74 -1.79 14.16
N ALA A 221 -6.43 -1.80 13.84
CA ALA A 221 -5.66 -0.56 13.84
C ALA A 221 -6.18 0.35 12.73
N VAL A 222 -5.97 1.67 12.91
CA VAL A 222 -6.38 2.67 11.91
C VAL A 222 -5.15 3.49 11.49
N LEU A 223 -4.88 3.54 10.18
CA LEU A 223 -3.78 4.29 9.61
C LEU A 223 -4.29 5.35 8.63
N VAL A 224 -3.49 6.41 8.45
CA VAL A 224 -3.78 7.48 7.49
C VAL A 224 -2.76 7.41 6.36
N LYS A 225 -3.25 7.41 5.12
CA LYS A 225 -2.38 7.36 3.94
C LYS A 225 -2.34 8.75 3.31
N ILE A 226 -1.13 9.25 3.09
CA ILE A 226 -0.95 10.62 2.62
C ILE A 226 -0.23 10.66 1.29
N ALA A 227 -0.43 11.77 0.60
CA ALA A 227 0.24 12.03 -0.66
C ALA A 227 1.62 12.62 -0.42
N PRO A 228 2.49 12.58 -1.44
CA PRO A 228 3.79 13.23 -1.33
C PRO A 228 3.73 14.73 -1.65
N ASP A 229 2.56 15.23 -2.00
CA ASP A 229 2.40 16.57 -2.54
C ASP A 229 2.00 17.60 -1.49
N LEU A 230 2.23 17.29 -0.22
CA LEU A 230 1.81 18.16 0.87
C LEU A 230 2.79 19.30 1.10
N THR A 231 2.27 20.44 1.53
CA THR A 231 3.15 21.50 1.99
C THR A 231 3.76 21.15 3.34
N SER A 232 4.79 21.92 3.73
CA SER A 232 5.38 21.71 5.05
C SER A 232 4.35 21.94 6.15
N GLN A 233 3.45 22.90 5.93
CA GLN A 233 2.38 23.18 6.88
C GLN A 233 1.40 22.02 6.99
N ASP A 234 1.02 21.43 5.86
CA ASP A 234 0.15 20.25 5.86
C ASP A 234 0.76 19.12 6.67
N LYS A 235 2.06 18.85 6.47
CA LYS A 235 2.71 17.75 7.20
C LYS A 235 2.77 18.01 8.69
N GLU A 236 3.07 19.26 9.10
CA GLU A 236 3.06 19.57 10.53
C GLU A 236 1.69 19.31 11.12
N ASP A 237 0.64 19.73 10.40
CA ASP A 237 -0.72 19.61 10.93
C ASP A 237 -1.14 18.15 11.04
N ILE A 238 -0.79 17.34 10.04
CA ILE A 238 -1.10 15.91 10.08
C ILE A 238 -0.39 15.23 11.24
N ALA A 239 0.90 15.53 11.43
CA ALA A 239 1.63 14.92 12.54
C ALA A 239 0.98 15.29 13.88
N SER A 240 0.56 16.54 14.01
CA SER A 240 -0.07 17.02 15.25
C SER A 240 -1.36 16.27 15.54
N VAL A 241 -2.25 16.19 14.54
CA VAL A 241 -3.54 15.54 14.77
C VAL A 241 -3.36 14.05 15.04
N VAL A 242 -2.44 13.42 14.32
CA VAL A 242 -2.18 11.99 14.51
C VAL A 242 -1.75 11.70 15.95
N LYS A 243 -0.86 12.52 16.52
CA LYS A 243 -0.42 12.29 17.89
C LYS A 243 -1.52 12.63 18.90
N GLU A 244 -2.27 13.69 18.63
CA GLU A 244 -3.34 14.12 19.52
C GLU A 244 -4.42 13.06 19.66
N LEU A 245 -4.78 12.40 18.56
CA LEU A 245 -5.90 11.48 18.54
C LEU A 245 -5.52 10.05 18.82
N GLY A 246 -4.24 9.71 18.72
CA GLY A 246 -3.84 8.32 18.88
C GLY A 246 -4.04 7.47 17.64
N ILE A 247 -3.91 8.05 16.45
CA ILE A 247 -3.90 7.25 15.22
C ILE A 247 -2.77 6.23 15.31
N ASP A 248 -3.02 5.03 14.78
CA ASP A 248 -2.07 3.94 14.99
C ASP A 248 -0.87 3.94 14.03
N GLY A 249 -0.97 4.58 12.87
CA GLY A 249 0.18 4.59 11.96
C GLY A 249 -0.11 5.41 10.71
N LEU A 250 0.91 5.51 9.85
CA LEU A 250 0.83 6.27 8.60
C LEU A 250 1.29 5.40 7.43
N ILE A 251 0.70 5.61 6.25
CA ILE A 251 1.20 5.02 5.01
C ILE A 251 1.71 6.14 4.12
N VAL A 252 2.95 6.02 3.66
CA VAL A 252 3.73 7.12 3.09
C VAL A 252 4.51 6.55 1.91
N THR A 253 4.07 6.75 0.65
CA THR A 253 3.02 7.67 0.17
C THR A 253 2.14 7.09 -0.95
N ASN A 254 1.04 7.79 -1.23
CA ASN A 254 0.24 7.57 -2.43
C ASN A 254 1.00 8.10 -3.67
N THR A 255 0.36 8.07 -4.84
CA THR A 255 0.96 8.59 -6.08
C THR A 255 1.07 10.12 -6.04
N THR A 256 1.85 10.69 -6.97
CA THR A 256 2.08 12.13 -7.03
C THR A 256 1.41 12.77 -8.24
N VAL A 257 0.81 13.96 -8.06
CA VAL A 257 0.33 14.76 -9.19
C VAL A 257 1.40 15.69 -9.73
N SER A 258 2.60 15.67 -9.15
CA SER A 258 3.73 16.38 -9.73
C SER A 258 4.28 15.59 -10.92
N ARG A 259 5.10 16.26 -11.74
CA ARG A 259 5.80 15.59 -12.84
C ARG A 259 7.26 16.01 -12.75
N PRO A 260 8.09 15.23 -12.05
CA PRO A 260 9.51 15.59 -11.91
C PRO A 260 10.17 15.86 -13.26
N ALA A 261 11.10 16.81 -13.27
CA ALA A 261 11.88 17.04 -14.48
C ALA A 261 12.56 15.74 -14.90
N GLY A 262 12.67 15.56 -16.21
CA GLY A 262 13.42 14.44 -16.76
C GLY A 262 12.62 13.23 -17.19
N LEU A 263 11.30 13.20 -16.95
CA LEU A 263 10.48 12.11 -17.44
C LEU A 263 10.57 12.03 -18.96
N GLN A 264 10.72 10.80 -19.48
CA GLN A 264 10.90 10.57 -20.92
C GLN A 264 9.68 9.97 -21.61
N GLY A 265 8.77 9.31 -20.88
CA GLY A 265 7.69 8.61 -21.55
C GLY A 265 6.82 9.55 -22.37
N ALA A 266 6.32 9.05 -23.51
CA ALA A 266 5.45 9.88 -24.35
C ALA A 266 4.18 10.31 -23.61
N LEU A 267 3.72 9.49 -22.66
CA LEU A 267 2.47 9.76 -21.97
C LEU A 267 2.64 10.55 -20.67
N ARG A 268 3.76 11.26 -20.49
CA ARG A 268 4.05 11.92 -19.21
C ARG A 268 3.08 13.04 -18.86
N SER A 269 2.35 13.59 -19.83
CA SER A 269 1.46 14.71 -19.53
C SER A 269 -0.01 14.29 -19.44
N GLU A 270 -0.28 12.98 -19.37
CA GLU A 270 -1.62 12.50 -19.02
C GLU A 270 -1.97 12.90 -17.59
N THR A 271 -3.26 13.21 -17.35
CA THR A 271 -3.73 13.49 -16.00
C THR A 271 -3.74 12.22 -15.15
N GLY A 272 -3.35 12.35 -13.87
CA GLY A 272 -3.45 11.25 -12.93
C GLY A 272 -2.28 11.20 -11.94
N GLY A 273 -2.26 10.14 -11.14
CA GLY A 273 -1.19 9.92 -10.17
C GLY A 273 -0.04 9.12 -10.77
N LEU A 274 1.19 9.65 -10.59
CA LEU A 274 2.40 9.00 -11.08
C LEU A 274 3.01 8.12 -9.98
N SER A 275 3.41 6.90 -10.36
CA SER A 275 3.99 5.92 -9.45
C SER A 275 5.32 5.40 -10.00
N GLY A 276 6.01 4.57 -9.22
CA GLY A 276 7.23 3.93 -9.70
C GLY A 276 8.49 4.73 -9.43
N LYS A 277 9.51 4.54 -10.26
CA LYS A 277 10.83 5.09 -9.90
C LYS A 277 10.87 6.60 -9.76
N PRO A 278 10.15 7.40 -10.55
CA PRO A 278 10.22 8.87 -10.34
C PRO A 278 9.65 9.32 -9.02
N LEU A 279 8.87 8.47 -8.33
CA LEU A 279 8.31 8.77 -7.02
C LEU A 279 9.20 8.30 -5.87
N ARG A 280 10.25 7.51 -6.14
CA ARG A 280 10.91 6.77 -5.07
C ARG A 280 11.46 7.70 -4.00
N ASP A 281 12.31 8.66 -4.41
CA ASP A 281 13.05 9.44 -3.40
C ASP A 281 12.18 10.54 -2.79
N LEU A 282 11.20 11.06 -3.54
CA LEU A 282 10.17 11.93 -2.95
C LEU A 282 9.41 11.24 -1.81
N SER A 283 9.04 9.97 -2.03
CA SER A 283 8.38 9.19 -0.97
C SER A 283 9.32 8.94 0.22
N THR A 284 10.58 8.59 -0.04
CA THR A 284 11.54 8.36 1.05
C THR A 284 11.74 9.61 1.88
N GLN A 285 11.82 10.80 1.24
CA GLN A 285 11.98 12.03 2.00
C GLN A 285 10.74 12.35 2.83
N THR A 286 9.56 12.01 2.34
CA THR A 286 8.35 12.22 3.13
C THR A 286 8.33 11.29 4.35
N ILE A 287 8.83 10.06 4.20
CA ILE A 287 8.95 9.16 5.35
C ILE A 287 9.88 9.78 6.40
N ARG A 288 11.05 10.26 5.94
CA ARG A 288 12.03 10.84 6.86
C ARG A 288 11.43 11.99 7.66
N GLU A 289 10.68 12.86 6.99
CA GLU A 289 10.07 14.01 7.66
C GLU A 289 8.97 13.59 8.64
N MET A 290 8.11 12.65 8.24
CA MET A 290 6.99 12.28 9.12
C MET A 290 7.49 11.52 10.36
N TYR A 291 8.52 10.69 10.18
CA TYR A 291 9.15 10.00 11.32
C TYR A 291 9.68 11.01 12.34
N ALA A 292 10.38 12.05 11.87
CA ALA A 292 10.90 13.06 12.79
C ALA A 292 9.77 13.86 13.44
N LEU A 293 8.77 14.25 12.67
CA LEU A 293 7.67 15.06 13.21
C LEU A 293 6.89 14.30 14.29
N THR A 294 6.89 12.97 14.24
CA THR A 294 6.20 12.13 15.22
C THR A 294 7.12 11.47 16.23
N GLN A 295 8.39 11.89 16.27
CA GLN A 295 9.38 11.44 17.25
C GLN A 295 9.63 9.94 17.17
N GLY A 296 9.44 9.35 15.99
CA GLY A 296 9.64 7.93 15.85
C GLY A 296 8.63 7.05 16.57
N ARG A 297 7.54 7.61 17.09
CA ARG A 297 6.60 6.87 17.93
C ARG A 297 5.37 6.38 17.18
N VAL A 298 5.25 6.67 15.89
CA VAL A 298 4.09 6.32 15.08
C VAL A 298 4.58 5.42 13.94
N PRO A 299 4.19 4.16 13.88
CA PRO A 299 4.70 3.26 12.82
C PRO A 299 4.35 3.78 11.44
N ILE A 300 5.29 3.62 10.48
CA ILE A 300 5.10 4.06 9.10
C ILE A 300 5.24 2.85 8.18
N ILE A 301 4.33 2.75 7.20
CA ILE A 301 4.49 1.83 6.08
C ILE A 301 4.98 2.64 4.89
N GLY A 302 6.17 2.35 4.38
CA GLY A 302 6.78 3.15 3.32
C GLY A 302 6.49 2.57 1.94
N VAL A 303 6.14 3.43 0.99
CA VAL A 303 5.72 2.91 -0.32
C VAL A 303 5.99 3.97 -1.39
N GLY A 304 6.52 3.51 -2.52
CA GLY A 304 6.80 4.36 -3.67
C GLY A 304 8.12 3.97 -4.33
N GLY A 305 8.05 3.35 -5.51
CA GLY A 305 9.24 3.09 -6.31
C GLY A 305 10.18 2.01 -5.82
N VAL A 306 9.71 1.07 -5.01
CA VAL A 306 10.57 0.02 -4.47
C VAL A 306 10.64 -1.15 -5.45
N SER A 307 11.87 -1.50 -5.90
CA SER A 307 12.07 -2.72 -6.69
C SER A 307 13.31 -3.52 -6.29
N SER A 308 14.04 -3.14 -5.24
CA SER A 308 15.25 -3.84 -4.84
C SER A 308 15.41 -3.79 -3.32
N GLY A 309 16.35 -4.58 -2.82
CA GLY A 309 16.68 -4.53 -1.41
C GLY A 309 17.18 -3.15 -0.97
N GLN A 310 18.00 -2.50 -1.81
CA GLN A 310 18.46 -1.16 -1.46
C GLN A 310 17.29 -0.17 -1.33
N ASP A 311 16.36 -0.15 -2.30
CA ASP A 311 15.15 0.67 -2.15
C ASP A 311 14.41 0.40 -0.84
N ALA A 312 14.21 -0.88 -0.50
CA ALA A 312 13.50 -1.20 0.73
C ALA A 312 14.26 -0.72 1.97
N LEU A 313 15.56 -1.00 2.01
CA LEU A 313 16.33 -0.61 3.20
C LEU A 313 16.45 0.90 3.34
N GLU A 314 16.49 1.66 2.22
CA GLU A 314 16.54 3.11 2.35
C GLU A 314 15.30 3.63 3.07
N LYS A 315 14.13 3.07 2.75
CA LYS A 315 12.90 3.52 3.40
C LYS A 315 12.86 3.09 4.87
N ILE A 316 13.33 1.87 5.16
CA ILE A 316 13.38 1.40 6.55
C ILE A 316 14.30 2.28 7.41
N ARG A 317 15.52 2.54 6.91
CA ARG A 317 16.44 3.43 7.66
C ARG A 317 15.88 4.84 7.81
N ALA A 318 15.07 5.31 6.85
CA ALA A 318 14.44 6.64 6.95
C ALA A 318 13.32 6.67 7.97
N GLY A 319 12.78 5.52 8.36
CA GLY A 319 11.72 5.50 9.35
C GLY A 319 10.60 4.47 9.18
N ALA A 320 10.59 3.72 8.08
CA ALA A 320 9.50 2.76 7.87
C ALA A 320 9.71 1.46 8.64
N SER A 321 8.64 0.97 9.31
CA SER A 321 8.70 -0.39 9.87
C SER A 321 8.34 -1.49 8.88
N LEU A 322 7.63 -1.16 7.80
CA LEU A 322 7.21 -2.09 6.76
C LEU A 322 7.26 -1.34 5.43
N VAL A 323 7.31 -2.06 4.30
CA VAL A 323 7.24 -1.41 2.98
C VAL A 323 6.22 -2.11 2.11
N GLN A 324 5.78 -1.42 1.06
CA GLN A 324 4.89 -1.99 0.07
C GLN A 324 5.39 -1.67 -1.34
N LEU A 325 4.95 -2.46 -2.32
CA LEU A 325 5.25 -2.12 -3.71
C LEU A 325 4.06 -2.48 -4.58
N TYR A 326 4.04 -1.89 -5.78
CA TYR A 326 3.00 -2.19 -6.77
C TYR A 326 3.60 -2.08 -8.18
N THR A 327 4.06 -0.88 -8.56
CA THR A 327 4.49 -0.69 -9.95
C THR A 327 5.59 -1.69 -10.35
N ALA A 328 6.51 -2.02 -9.44
CA ALA A 328 7.57 -2.96 -9.81
C ALA A 328 7.01 -4.35 -10.15
N LEU A 329 5.91 -4.75 -9.49
CA LEU A 329 5.29 -6.03 -9.83
C LEU A 329 4.80 -6.03 -11.27
N THR A 330 4.32 -4.89 -11.76
CA THR A 330 3.80 -4.85 -13.12
C THR A 330 4.91 -4.98 -14.16
N PHE A 331 6.15 -4.55 -13.85
CA PHE A 331 7.23 -4.69 -14.84
C PHE A 331 8.04 -5.98 -14.70
N TRP A 332 8.31 -6.43 -13.46
CA TRP A 332 9.10 -7.63 -13.19
C TRP A 332 8.27 -8.91 -13.12
N GLY A 333 7.00 -8.81 -12.73
CA GLY A 333 6.24 -10.01 -12.44
C GLY A 333 6.47 -10.58 -11.05
N PRO A 334 5.79 -11.68 -10.75
CA PRO A 334 5.79 -12.21 -9.38
C PRO A 334 7.18 -12.40 -8.79
N PRO A 335 8.21 -12.77 -9.59
CA PRO A 335 9.53 -13.00 -8.99
C PRO A 335 10.12 -11.79 -8.27
N VAL A 336 9.60 -10.57 -8.46
CA VAL A 336 10.18 -9.39 -7.80
C VAL A 336 10.08 -9.50 -6.28
N VAL A 337 9.10 -10.24 -5.76
CA VAL A 337 8.90 -10.28 -4.32
C VAL A 337 10.06 -11.00 -3.64
N GLY A 338 10.41 -12.19 -4.14
CA GLY A 338 11.55 -12.90 -3.60
C GLY A 338 12.86 -12.18 -3.84
N LYS A 339 12.96 -11.46 -4.96
CA LYS A 339 14.18 -10.69 -5.20
C LYS A 339 14.37 -9.62 -4.12
N VAL A 340 13.33 -8.83 -3.83
CA VAL A 340 13.48 -7.79 -2.80
C VAL A 340 13.85 -8.39 -1.46
N LYS A 341 13.19 -9.50 -1.08
CA LYS A 341 13.42 -10.09 0.23
C LYS A 341 14.85 -10.62 0.36
N ARG A 342 15.34 -11.30 -0.68
CA ARG A 342 16.69 -11.85 -0.66
C ARG A 342 17.74 -10.74 -0.57
N GLU A 343 17.57 -9.68 -1.36
CA GLU A 343 18.53 -8.58 -1.34
C GLU A 343 18.49 -7.83 -0.02
N LEU A 344 17.29 -7.65 0.56
CA LEU A 344 17.17 -6.94 1.83
C LEU A 344 17.90 -7.70 2.94
N GLU A 345 17.73 -9.03 2.98
CA GLU A 345 18.41 -9.79 4.02
C GLU A 345 19.93 -9.69 3.87
N ALA A 346 20.43 -9.77 2.64
CA ALA A 346 21.86 -9.65 2.39
C ALA A 346 22.39 -8.29 2.85
N LEU A 347 21.67 -7.21 2.54
CA LEU A 347 22.16 -5.87 2.89
C LEU A 347 22.13 -5.65 4.40
N LEU A 348 21.11 -6.19 5.09
CA LEU A 348 21.08 -6.03 6.55
C LEU A 348 22.32 -6.65 7.18
N LYS A 349 22.70 -7.83 6.71
CA LYS A 349 23.89 -8.49 7.23
C LYS A 349 25.15 -7.71 6.90
N GLU A 350 25.25 -7.20 5.67
CA GLU A 350 26.42 -6.42 5.28
C GLU A 350 26.58 -5.18 6.13
N GLN A 351 25.48 -4.52 6.49
CA GLN A 351 25.56 -3.27 7.24
C GLN A 351 25.58 -3.49 8.76
N GLY A 352 25.63 -4.75 9.21
CA GLY A 352 25.76 -5.05 10.62
C GLY A 352 24.48 -5.02 11.44
N PHE A 353 23.32 -5.10 10.81
CA PHE A 353 22.06 -5.08 11.55
C PHE A 353 21.66 -6.49 11.96
N GLY A 354 21.11 -6.62 13.17
CA GLY A 354 20.62 -7.93 13.61
C GLY A 354 19.38 -8.38 12.86
N GLY A 355 18.55 -7.44 12.43
CA GLY A 355 17.36 -7.75 11.66
C GLY A 355 16.72 -6.45 11.25
N VAL A 356 15.57 -6.58 10.57
CA VAL A 356 14.82 -5.38 10.15
C VAL A 356 14.60 -4.44 11.33
N THR A 357 14.16 -4.98 12.47
CA THR A 357 13.80 -4.12 13.60
C THR A 357 14.94 -3.19 13.98
N ASP A 358 16.17 -3.69 13.96
CA ASP A 358 17.31 -2.87 14.36
CA ASP A 358 17.35 -2.91 14.34
C ASP A 358 17.60 -1.74 13.39
N ALA A 359 17.12 -1.83 12.15
CA ALA A 359 17.40 -0.81 11.14
C ALA A 359 16.34 0.28 11.05
N ILE A 360 15.17 0.09 11.67
CA ILE A 360 14.10 1.08 11.55
C ILE A 360 14.55 2.42 12.13
N GLY A 361 14.53 3.47 11.29
CA GLY A 361 14.90 4.80 11.71
C GLY A 361 16.38 5.03 11.92
N ALA A 362 17.24 4.11 11.47
CA ALA A 362 18.66 4.15 11.81
C ALA A 362 19.36 5.41 11.30
N ASP A 363 18.89 6.00 10.18
CA ASP A 363 19.55 7.21 9.68
C ASP A 363 19.42 8.38 10.66
N HIS A 364 18.37 8.39 11.48
CA HIS A 364 18.14 9.49 12.42
C HIS A 364 19.04 9.42 13.64
N ARG A 365 19.75 8.32 13.82
CA ARG A 365 20.62 8.12 14.97
C ARG A 365 22.10 8.24 14.59
N ARG A 366 22.37 8.85 13.42
CA ARG A 366 23.76 9.02 12.89
C ARG A 366 24.36 10.41 13.11
N1 FMN B . -3.64 3.64 -3.49
C2 FMN B . -4.75 3.64 -2.68
O2 FMN B . -4.66 4.01 -1.50
N3 FMN B . -5.96 3.24 -3.19
C4 FMN B . -6.09 2.81 -4.49
O4 FMN B . -7.21 2.42 -4.88
C4A FMN B . -4.97 2.81 -5.33
N5 FMN B . -5.07 2.42 -6.66
C5A FMN B . -3.92 2.40 -7.44
C6 FMN B . -3.99 1.99 -8.79
C7 FMN B . -2.84 1.98 -9.57
C7M FMN B . -2.94 1.53 -11.02
C8 FMN B . -1.63 2.41 -9.06
C8M FMN B . -0.39 2.38 -9.92
C9 FMN B . -1.54 2.82 -7.73
C9A FMN B . -2.69 2.83 -6.92
N10 FMN B . -2.61 3.22 -5.59
C10 FMN B . -3.74 3.23 -4.80
C1' FMN B . -1.29 3.71 -5.03
C2' FMN B . -0.36 2.62 -4.51
O2' FMN B . -0.98 2.02 -3.39
C3' FMN B . 1.00 3.18 -4.06
O3' FMN B . 0.79 4.08 -2.97
C4' FMN B . 1.74 3.94 -5.19
O4' FMN B . 1.47 3.35 -6.44
C5' FMN B . 3.26 3.98 -4.99
O5' FMN B . 3.81 2.68 -4.95
P FMN B . 4.62 2.06 -6.23
O1P FMN B . 5.54 3.10 -6.77
O2P FMN B . 3.61 1.63 -7.28
O3P FMN B . 5.39 0.87 -5.74
HN3 FMN B . -6.80 3.24 -2.57
H6 FMN B . -4.93 1.66 -9.21
HM71 FMN B . -2.54 2.31 -11.67
HM72 FMN B . -3.98 1.35 -11.27
HM73 FMN B . -2.37 0.61 -11.15
HM81 FMN B . 0.11 1.41 -9.82
HM82 FMN B . 0.30 3.17 -9.60
HM83 FMN B . -0.67 2.54 -10.95
H9 FMN B . -0.59 3.12 -7.31
H1'1 FMN B . -1.50 4.40 -4.21
H1'2 FMN B . -0.76 4.26 -5.81
H2' FMN B . -0.17 1.91 -5.31
HO2' FMN B . -1.80 1.57 -3.68
H3' FMN B . 1.62 2.34 -3.77
HO3' FMN B . 0.90 5.00 -3.27
H4' FMN B . 1.36 4.96 -5.14
HO4' FMN B . 2.09 3.72 -7.11
H5'1 FMN B . 3.50 4.52 -4.07
H5'2 FMN B . 3.71 4.54 -5.83
N1 ORO C . -6.65 5.90 -5.99
C2 ORO C . -5.58 6.18 -5.16
O2 ORO C . -5.71 6.25 -3.94
N3 ORO C . -4.37 6.37 -5.78
C4 ORO C . -4.14 6.32 -7.14
O4 ORO C . -3.00 6.52 -7.58
C5 ORO C . -5.27 6.06 -7.94
C6 ORO C . -6.48 5.83 -7.36
C7 ORO C . -7.66 5.60 -8.20
O71 ORO C . -8.55 4.81 -7.93
O72 ORO C . -7.66 6.36 -9.25
HN1 ORO C . -7.42 5.78 -5.65
HN3 ORO C . -3.69 6.53 -5.27
H5 ORO C . -5.19 6.03 -8.87
O1 IEQ D . -0.86 -6.03 -13.58
C1 IEQ D . 1.70 -9.74 -11.48
C10 IEQ D . -1.69 -1.72 -13.10
C11 IEQ D . -1.37 -3.01 -13.39
C12 IEQ D . -0.63 -3.29 -14.55
C13 IEQ D . 0.64 -9.14 -15.62
C14 IEQ D . 0.25 -8.93 -17.07
C15 IEQ D . 1.44 -8.55 -17.95
C16 IEQ D . -0.50 -10.12 -17.66
C17 IEQ D . 0.89 -10.42 -15.11
C18 IEQ D . 1.24 -10.61 -13.78
C19 IEQ D . 1.99 -12.95 -13.83
C2 IEQ D . 1.33 -9.53 -12.93
C20 IEQ D . 1.53 -14.17 -13.41
C21 IEQ D . 2.03 -15.32 -14.04
C22 IEQ D . 2.98 -15.22 -15.02
C23 IEQ D . 3.44 -13.98 -15.40
C24 IEQ D . 2.97 -12.83 -14.79
C3 IEQ D . 1.09 -8.27 -13.43
C4 IEQ D . 0.77 -8.06 -14.75
C5 IEQ D . -0.24 -5.81 -14.61
C6 IEQ D . -0.13 -4.45 -15.17
C7 IEQ D . 0.52 -4.02 -16.35
C8 IEQ D . -0.58 -0.94 -15.09
C9 IEQ D . -1.28 -0.67 -13.96
N1 IEQ D . 0.50 -6.77 -15.24
N2 IEQ D . 0.44 -2.69 -16.46
N3 IEQ D . -0.25 -2.24 -15.37
O2 IEQ D . 1.17 -4.75 -17.26
O3 IEQ D . 1.47 -11.84 -13.16
H2 IEQ D . 1.68 -8.90 -11.02
H3 IEQ D . 2.59 -10.12 -11.43
H1 IEQ D . 1.07 -10.35 -11.07
H9 IEQ D . -2.19 -1.52 -12.33
H10 IEQ D . -1.63 -3.70 -12.82
H11 IEQ D . -0.39 -8.16 -17.09
H13 IEQ D . 2.11 -9.24 -17.88
H12 IEQ D . 1.81 -7.71 -17.63
H14 IEQ D . 1.15 -8.46 -18.86
H17 IEQ D . 0.14 -10.84 -17.84
H15 IEQ D . -0.93 -9.86 -18.49
H16 IEQ D . -1.16 -10.44 -17.03
H18 IEQ D . 0.82 -11.15 -15.67
H19 IEQ D . 0.90 -14.25 -12.72
H20 IEQ D . 1.70 -16.16 -13.77
H21 IEQ D . 3.31 -15.99 -15.44
H22 IEQ D . 4.10 -13.91 -16.07
H23 IEQ D . 3.30 -11.98 -15.04
H4 IEQ D . 1.14 -7.53 -12.86
H7 IEQ D . -0.32 -0.26 -15.67
H8 IEQ D . -1.50 0.22 -13.75
H5 IEQ D . 0.83 -6.56 -16.02
H6 IEQ D . 1.97 -5.08 -16.91
O1 P6G E . 17.04 11.45 -0.62
C2 P6G E . 16.32 10.23 -0.44
C3 P6G E . 17.00 9.32 0.54
O4 P6G E . 17.92 8.48 -0.14
C5 P6G E . 18.67 7.64 0.74
C6 P6G E . 19.61 8.45 1.57
O7 P6G E . 20.33 7.64 2.49
C8 P6G E . 20.65 8.33 3.69
C9 P6G E . 21.80 7.66 4.38
O10 P6G E . 22.16 8.39 5.54
C11 P6G E . 23.09 7.69 6.37
C12 P6G E . 24.38 7.47 5.65
O13 P6G E . 25.48 7.73 6.51
C14 P6G E . 26.73 7.38 5.94
C15 P6G E . 26.84 5.89 5.80
O16 P6G E . 28.19 5.47 5.89
C17 P6G E . 28.34 4.09 5.59
C18 P6G E . 27.63 3.26 6.61
O19 P6G E . 26.43 2.70 6.09
H1 P6G E . 16.89 12.04 -0.02
H21 P6G E . 16.26 9.78 -1.29
H22 P6G E . 15.43 10.43 -0.12
H31 P6G E . 16.34 8.78 0.99
H32 P6G E . 17.48 9.86 1.20
H51 P6G E . 19.17 6.98 0.22
H52 P6G E . 18.04 7.17 1.33
H61 P6G E . 19.11 9.12 2.06
H62 P6G E . 20.24 8.89 0.97
H81 P6G E . 19.88 8.33 4.28
H82 P6G E . 20.90 9.25 3.48
H91 P6G E . 22.55 7.62 3.78
H92 P6G E . 21.53 6.76 4.64
H111 P6G E . 22.71 6.82 6.61
H112 P6G E . 23.25 8.19 7.17
H121 P6G E . 24.42 8.06 4.89
H122 P6G E . 24.42 6.55 5.34
H141 P6G E . 27.45 7.70 6.51
H142 P6G E . 26.82 7.79 5.06
H151 P6G E . 26.48 5.63 4.95
H152 P6G E . 26.33 5.48 6.52
H171 P6G E . 29.29 3.86 5.60
H172 P6G E . 27.98 3.90 4.71
H181 P6G E . 27.41 3.81 7.38
H182 P6G E . 28.21 2.54 6.90
H19 P6G E . 26.00 3.22 5.59
C ACT F . -16.76 -12.41 18.53
O ACT F . -16.59 -11.21 18.82
OXT ACT F . -16.57 -12.99 17.42
CH3 ACT F . -17.27 -13.23 19.66
H1 ACT F . -16.98 -14.15 19.56
H2 ACT F . -18.24 -13.20 19.66
H3 ACT F . -16.94 -12.89 20.50
#